data_9FRO
#
_entry.id   9FRO
#
_cell.length_a   55.570
_cell.length_b   92.689
_cell.length_c   112.376
_cell.angle_alpha   90.000
_cell.angle_beta   90.000
_cell.angle_gamma   90.000
#
_symmetry.space_group_name_H-M   'C 2 2 21'
#
loop_
_entity.id
_entity.type
_entity.pdbx_description
1 polymer 'Beta propeller'
2 non-polymer 2-acetamido-2-deoxy-alpha-D-glucopyranose
3 non-polymer p-sulfonatocalix[6]arene
4 water water
#
_entity_poly.entity_id   1
_entity_poly.type   'polypeptide(L)'
_entity_poly.pdbx_seq_one_letter_code
;MSGFKFLFFSPDGTLYGVHNDKLYKGTPPTSDKDNWLARATLIGNGGW
;
_entity_poly.pdbx_strand_id   A,B,E,D,C
#
# COMPACT_ATOMS: atom_id res chain seq x y z
N SER A 2 11.34 -5.11 -13.73
CA SER A 2 10.64 -5.94 -14.71
C SER A 2 9.23 -5.44 -14.95
N GLY A 3 8.35 -5.72 -13.99
CA GLY A 3 6.95 -5.35 -14.12
C GLY A 3 6.63 -3.98 -13.53
N PHE A 4 5.76 -3.95 -12.52
CA PHE A 4 5.34 -2.69 -11.91
C PHE A 4 6.18 -2.35 -10.68
N LYS A 5 6.43 -1.06 -10.50
CA LYS A 5 7.12 -0.53 -9.32
C LYS A 5 6.14 -0.30 -8.18
N PHE A 6 4.95 0.18 -8.51
CA PHE A 6 3.84 0.33 -7.59
C PHE A 6 2.59 -0.21 -8.25
N LEU A 7 1.68 -0.73 -7.44
CA LEU A 7 0.38 -1.22 -7.91
C LEU A 7 -0.59 -1.14 -6.75
N PHE A 8 -1.64 -0.33 -6.87
CA PHE A 8 -2.43 0.04 -5.69
C PHE A 8 -3.77 0.63 -6.14
N PHE A 9 -4.73 0.66 -5.22
CA PHE A 9 -6.06 1.18 -5.53
C PHE A 9 -6.25 2.59 -5.01
N SER A 10 -7.02 3.38 -5.78
CA SER A 10 -7.69 4.58 -5.32
C SER A 10 -8.96 4.16 -4.60
N PRO A 11 -9.44 4.97 -3.64
CA PRO A 11 -10.63 4.55 -2.88
C PRO A 11 -11.92 4.46 -3.71
N ASP A 12 -11.93 4.96 -4.95
CA ASP A 12 -13.09 4.78 -5.82
C ASP A 12 -13.08 3.42 -6.52
N GLY A 13 -12.03 2.62 -6.32
CA GLY A 13 -11.94 1.33 -6.95
C GLY A 13 -11.08 1.29 -8.20
N THR A 14 -10.48 2.40 -8.60
CA THR A 14 -9.64 2.43 -9.80
C THR A 14 -8.23 1.94 -9.45
N LEU A 15 -7.68 1.09 -10.32
CA LEU A 15 -6.34 0.56 -10.11
C LEU A 15 -5.30 1.54 -10.67
N TYR A 16 -4.25 1.76 -9.89
CA TYR A 16 -3.14 2.61 -10.31
C TYR A 16 -1.87 1.78 -10.37
N GLY A 17 -1.01 2.10 -11.32
CA GLY A 17 0.25 1.37 -11.43
C GLY A 17 1.38 2.21 -11.99
N VAL A 18 2.59 2.04 -11.46
CA VAL A 18 3.79 2.64 -12.04
C VAL A 18 4.52 1.53 -12.80
N HIS A 19 4.74 1.78 -14.09
CA HIS A 19 5.39 0.82 -14.99
C HIS A 19 6.35 1.62 -15.85
N ASN A 20 7.64 1.27 -15.77
CA ASN A 20 8.70 1.96 -16.52
C ASN A 20 8.64 3.48 -16.32
N ASP A 21 8.62 3.88 -15.05
CA ASP A 21 8.63 5.27 -14.62
C ASP A 21 7.40 6.06 -15.03
N LYS A 22 6.37 5.40 -15.56
CA LYS A 22 5.14 6.05 -15.97
C LYS A 22 3.98 5.60 -15.08
N LEU A 23 3.02 6.50 -14.87
CA LEU A 23 1.86 6.24 -14.02
C LEU A 23 0.63 5.99 -14.88
N TYR A 24 -0.10 4.92 -14.56
CA TYR A 24 -1.30 4.52 -15.30
C TYR A 24 -2.46 4.32 -14.33
N LYS A 25 -3.70 4.54 -14.82
CA LYS A 25 -4.87 4.20 -14.02
C LYS A 25 -5.93 3.57 -14.91
N GLY A 26 -6.75 2.73 -14.30
CA GLY A 26 -7.92 2.19 -15.00
C GLY A 26 -8.63 1.19 -14.13
N THR A 27 -9.84 0.83 -14.54
CA THR A 27 -10.55 -0.20 -13.78
C THR A 27 -9.71 -1.48 -13.78
N PRO A 28 -9.70 -2.23 -12.68
CA PRO A 28 -8.82 -3.39 -12.61
C PRO A 28 -9.23 -4.42 -13.63
N PRO A 29 -8.28 -5.24 -14.12
CA PRO A 29 -8.62 -6.30 -15.06
C PRO A 29 -9.53 -7.32 -14.40
N THR A 30 -10.43 -7.89 -15.20
CA THR A 30 -11.38 -8.90 -14.72
C THR A 30 -11.05 -10.31 -15.17
N SER A 31 -10.13 -10.48 -16.12
CA SER A 31 -9.67 -11.80 -16.52
C SER A 31 -8.32 -11.65 -17.18
N ASP A 32 -7.63 -12.77 -17.38
CA ASP A 32 -6.33 -12.77 -18.03
C ASP A 32 -6.41 -12.37 -19.51
N LYS A 33 -7.60 -12.29 -20.08
CA LYS A 33 -7.81 -11.81 -21.45
C LYS A 33 -8.11 -10.32 -21.50
N ASP A 34 -7.92 -9.60 -20.39
CA ASP A 34 -8.18 -8.17 -20.32
C ASP A 34 -6.82 -7.48 -20.16
N ASN A 35 -6.26 -7.02 -21.27
CA ASN A 35 -4.93 -6.39 -21.27
C ASN A 35 -5.04 -5.02 -20.62
N TRP A 36 -4.63 -4.93 -19.36
CA TRP A 36 -4.86 -3.72 -18.60
C TRP A 36 -4.01 -2.55 -19.11
N LEU A 37 -2.71 -2.79 -19.30
CA LEU A 37 -1.83 -1.70 -19.73
C LEU A 37 -2.26 -1.14 -21.09
N ALA A 38 -2.78 -1.99 -21.98
CA ALA A 38 -3.19 -1.52 -23.30
C ALA A 38 -4.32 -0.51 -23.21
N ARG A 39 -5.21 -0.64 -22.23
CA ARG A 39 -6.34 0.26 -22.11
C ARG A 39 -6.21 1.27 -20.97
N ALA A 40 -5.21 1.13 -20.10
CA ALA A 40 -5.11 2.05 -18.98
C ALA A 40 -4.82 3.47 -19.48
N THR A 41 -5.26 4.45 -18.70
CA THR A 41 -5.00 5.84 -19.01
C THR A 41 -3.62 6.23 -18.48
N LEU A 42 -2.77 6.76 -19.36
CA LEU A 42 -1.48 7.30 -18.94
C LEU A 42 -1.70 8.65 -18.28
N ILE A 43 -1.27 8.78 -17.02
CA ILE A 43 -1.44 10.03 -16.27
C ILE A 43 -0.12 10.56 -15.73
N GLY A 44 0.99 9.86 -15.95
CA GLY A 44 2.30 10.38 -15.60
C GLY A 44 3.34 9.85 -16.55
N ASN A 45 4.02 10.74 -17.27
CA ASN A 45 4.93 10.32 -18.34
C ASN A 45 6.34 10.02 -17.84
N GLY A 46 6.69 10.48 -16.65
CA GLY A 46 8.00 10.20 -16.11
C GLY A 46 8.15 10.77 -14.71
N GLY A 47 9.18 10.30 -14.02
CA GLY A 47 9.47 10.78 -12.70
C GLY A 47 8.86 9.99 -11.56
N TRP A 48 8.26 8.83 -11.84
CA TRP A 48 7.59 8.06 -10.80
C TRP A 48 8.41 6.92 -10.28
N SER B 2 9.76 -16.02 -4.64
CA SER B 2 9.23 -16.84 -3.56
C SER B 2 7.79 -16.45 -3.23
N GLY B 3 7.65 -15.49 -2.33
CA GLY B 3 6.34 -15.01 -1.91
C GLY B 3 5.74 -14.03 -2.88
N PHE B 4 4.96 -13.08 -2.35
CA PHE B 4 4.25 -12.10 -3.18
C PHE B 4 5.09 -10.85 -3.37
N LYS B 5 4.90 -10.21 -4.52
CA LYS B 5 5.55 -8.94 -4.85
C LYS B 5 4.70 -7.76 -4.40
N PHE B 6 3.38 -7.86 -4.56
CA PHE B 6 2.41 -6.92 -4.02
C PHE B 6 1.29 -7.71 -3.36
N LEU B 7 0.70 -7.13 -2.32
CA LEU B 7 -0.42 -7.75 -1.63
C LEU B 7 -1.25 -6.63 -1.03
N PHE B 8 -2.50 -6.44 -1.49
CA PHE B 8 -3.20 -5.21 -1.15
C PHE B 8 -4.71 -5.38 -1.37
N PHE B 9 -5.49 -4.49 -0.74
CA PHE B 9 -6.95 -4.56 -0.85
C PHE B 9 -7.51 -3.53 -1.82
N SER B 10 -8.55 -3.93 -2.57
CA SER B 10 -9.42 -2.97 -3.24
C SER B 10 -10.45 -2.45 -2.24
N PRO B 11 -11.03 -1.28 -2.48
CA PRO B 11 -11.95 -0.72 -1.47
C PRO B 11 -13.23 -1.54 -1.29
N ASP B 12 -13.54 -2.47 -2.18
CA ASP B 12 -14.71 -3.33 -1.99
C ASP B 12 -14.40 -4.57 -1.17
N GLY B 13 -13.16 -4.72 -0.70
CA GLY B 13 -12.83 -5.78 0.22
C GLY B 13 -12.16 -6.97 -0.42
N THR B 14 -11.87 -6.91 -1.71
CA THR B 14 -11.21 -8.00 -2.42
C THR B 14 -9.70 -7.89 -2.25
N LEU B 15 -9.06 -9.03 -1.98
CA LEU B 15 -7.62 -9.09 -1.82
C LEU B 15 -6.97 -9.32 -3.18
N TYR B 16 -5.95 -8.52 -3.50
CA TYR B 16 -5.21 -8.62 -4.74
C TYR B 16 -3.75 -8.96 -4.41
N GLY B 17 -3.12 -9.73 -5.31
CA GLY B 17 -1.73 -10.06 -5.08
C GLY B 17 -1.01 -10.33 -6.38
N VAL B 18 0.25 -9.94 -6.46
CA VAL B 18 1.13 -10.30 -7.58
C VAL B 18 2.07 -11.39 -7.09
N HIS B 19 2.05 -12.54 -7.77
CA HIS B 19 2.89 -13.67 -7.40
C HIS B 19 3.48 -14.23 -8.67
N ASN B 20 4.81 -14.31 -8.72
CA ASN B 20 5.53 -14.80 -9.90
C ASN B 20 5.00 -14.15 -11.17
N ASP B 21 4.98 -12.81 -11.17
CA ASP B 21 4.62 -11.95 -12.29
C ASP B 21 3.16 -12.05 -12.72
N LYS B 22 2.32 -12.75 -11.96
CA LYS B 22 0.91 -12.88 -12.27
C LYS B 22 0.06 -12.17 -11.23
N LEU B 23 -1.09 -11.65 -11.67
CA LEU B 23 -2.02 -10.91 -10.80
C LEU B 23 -3.20 -11.80 -10.44
N TYR B 24 -3.53 -11.86 -9.16
CA TYR B 24 -4.61 -12.67 -8.61
C TYR B 24 -5.53 -11.81 -7.77
N LYS B 25 -6.80 -12.20 -7.68
CA LYS B 25 -7.75 -11.56 -6.78
C LYS B 25 -8.69 -12.59 -6.18
N GLY B 26 -9.18 -12.27 -4.99
CA GLY B 26 -10.20 -13.11 -4.36
C GLY B 26 -10.52 -12.55 -2.98
N THR B 27 -11.57 -13.09 -2.40
CA THR B 27 -11.83 -12.76 -1.00
C THR B 27 -10.63 -13.19 -0.16
N PRO B 28 -10.27 -12.42 0.86
CA PRO B 28 -9.07 -12.75 1.64
C PRO B 28 -9.24 -14.07 2.36
N PRO B 29 -8.15 -14.76 2.68
CA PRO B 29 -8.28 -16.04 3.39
C PRO B 29 -8.86 -15.83 4.78
N THR B 30 -9.71 -16.77 5.21
CA THR B 30 -10.28 -16.67 6.55
C THR B 30 -9.46 -17.43 7.59
N SER B 31 -8.58 -18.33 7.17
CA SER B 31 -7.79 -19.13 8.10
C SER B 31 -6.64 -19.76 7.34
N ASP B 32 -5.72 -20.37 8.08
CA ASP B 32 -4.59 -21.02 7.44
C ASP B 32 -4.98 -22.33 6.75
N LYS B 33 -6.23 -22.79 6.89
CA LYS B 33 -6.70 -23.91 6.09
C LYS B 33 -7.08 -23.49 4.67
N ASP B 34 -7.04 -22.19 4.37
CA ASP B 34 -7.50 -21.64 3.10
C ASP B 34 -6.29 -21.48 2.17
N ASN B 35 -6.22 -22.34 1.14
CA ASN B 35 -5.18 -22.21 0.12
C ASN B 35 -5.62 -21.11 -0.83
N TRP B 36 -5.21 -19.87 -0.52
CA TRP B 36 -5.74 -18.72 -1.24
C TRP B 36 -5.29 -18.72 -2.69
N LEU B 37 -3.99 -18.94 -2.92
CA LEU B 37 -3.47 -18.90 -4.28
C LEU B 37 -4.16 -19.93 -5.18
N ALA B 38 -4.54 -21.09 -4.64
CA ALA B 38 -5.20 -22.10 -5.46
C ALA B 38 -6.60 -21.65 -5.89
N ARG B 39 -7.34 -20.96 -5.02
CA ARG B 39 -8.70 -20.56 -5.37
C ARG B 39 -8.79 -19.14 -5.91
N ALA B 40 -7.72 -18.35 -5.85
CA ALA B 40 -7.78 -16.99 -6.35
C ALA B 40 -8.00 -16.96 -7.87
N THR B 41 -8.67 -15.92 -8.34
CA THR B 41 -8.89 -15.74 -9.77
C THR B 41 -7.65 -15.15 -10.41
N LEU B 42 -7.16 -15.80 -11.45
CA LEU B 42 -6.05 -15.26 -12.23
C LEU B 42 -6.58 -14.17 -13.15
N ILE B 43 -6.14 -12.93 -12.94
CA ILE B 43 -6.64 -11.81 -13.74
C ILE B 43 -5.55 -11.16 -14.55
N GLY B 44 -4.32 -11.67 -14.50
CA GLY B 44 -3.26 -11.19 -15.34
C GLY B 44 -2.13 -12.20 -15.40
N ASN B 45 -1.76 -12.64 -16.60
CA ASN B 45 -0.70 -13.63 -16.75
C ASN B 45 0.53 -12.97 -17.35
N GLY B 46 1.43 -12.51 -16.49
CA GLY B 46 2.68 -11.93 -16.91
C GLY B 46 2.65 -10.41 -16.95
N GLY B 47 3.82 -9.82 -16.78
CA GLY B 47 3.99 -8.38 -16.90
C GLY B 47 3.70 -7.58 -15.66
N TRP B 48 3.39 -8.23 -14.54
CA TRP B 48 3.09 -7.50 -13.31
C TRP B 48 4.27 -7.50 -12.35
N SER C 2 16.27 8.53 -8.29
CA SER C 2 15.08 9.37 -8.29
C SER C 2 13.82 8.55 -8.06
N GLY C 3 12.70 9.06 -8.54
CA GLY C 3 11.43 8.36 -8.40
C GLY C 3 10.88 8.44 -6.99
N PHE C 4 9.73 7.81 -6.80
CA PHE C 4 9.02 7.82 -5.53
C PHE C 4 9.37 6.58 -4.72
N LYS C 5 9.42 6.75 -3.39
CA LYS C 5 9.58 5.65 -2.45
C LYS C 5 8.24 5.06 -2.03
N PHE C 6 7.29 5.94 -1.75
CA PHE C 6 5.92 5.55 -1.47
C PHE C 6 4.98 6.32 -2.39
N LEU C 7 3.86 5.70 -2.73
CA LEU C 7 2.87 6.36 -3.57
C LEU C 7 1.54 5.67 -3.29
N PHE C 8 0.58 6.40 -2.70
CA PHE C 8 -0.57 5.76 -2.09
C PHE C 8 -1.69 6.77 -1.88
N PHE C 9 -2.90 6.25 -1.71
CA PHE C 9 -4.10 7.08 -1.54
C PHE C 9 -4.59 7.10 -0.11
N SER C 10 -5.10 8.26 0.31
CA SER C 10 -5.96 8.33 1.47
C SER C 10 -7.39 8.01 1.05
N PRO C 11 -8.25 7.63 2.01
CA PRO C 11 -9.62 7.24 1.64
C PRO C 11 -10.44 8.39 1.06
N ASP C 12 -10.02 9.64 1.27
CA ASP C 12 -10.73 10.77 0.67
C ASP C 12 -10.31 11.04 -0.77
N GLY C 13 -9.41 10.23 -1.34
CA GLY C 13 -9.03 10.35 -2.73
C GLY C 13 -7.80 11.17 -3.00
N THR C 14 -7.13 11.65 -1.95
CA THR C 14 -5.91 12.43 -2.09
C THR C 14 -4.74 11.47 -2.34
N LEU C 15 -3.91 11.79 -3.34
CA LEU C 15 -2.68 11.03 -3.60
C LEU C 15 -1.55 11.57 -2.73
N TYR C 16 -0.82 10.66 -2.10
CA TYR C 16 0.34 10.99 -1.28
C TYR C 16 1.57 10.35 -1.88
N GLY C 17 2.72 11.03 -1.75
CA GLY C 17 3.93 10.43 -2.27
C GLY C 17 5.16 10.89 -1.52
N VAL C 18 6.11 9.98 -1.34
CA VAL C 18 7.40 10.31 -0.75
C VAL C 18 8.43 10.30 -1.85
N HIS C 19 9.12 11.42 -2.01
CA HIS C 19 10.12 11.59 -3.06
C HIS C 19 11.28 12.36 -2.47
N ASN C 20 12.47 11.73 -2.49
CA ASN C 20 13.69 12.35 -1.98
C ASN C 20 13.53 12.90 -0.57
N ASP C 21 13.11 12.02 0.35
CA ASP C 21 12.94 12.27 1.78
C ASP C 21 11.78 13.21 2.09
N LYS C 22 11.01 13.65 1.10
CA LYS C 22 9.97 14.64 1.30
C LYS C 22 8.61 14.01 1.02
N LEU C 23 7.58 14.53 1.70
CA LEU C 23 6.23 14.00 1.59
C LEU C 23 5.36 15.02 0.88
N TYR C 24 4.56 14.56 -0.08
CA TYR C 24 3.75 15.41 -0.94
C TYR C 24 2.31 14.89 -0.98
N LYS C 25 1.36 15.78 -1.20
CA LYS C 25 -0.03 15.34 -1.40
C LYS C 25 -0.71 16.22 -2.43
N GLY C 26 -1.74 15.65 -3.06
CA GLY C 26 -2.55 16.42 -4.00
C GLY C 26 -3.53 15.52 -4.71
N THR C 27 -4.50 16.14 -5.37
CA THR C 27 -5.39 15.36 -6.23
C THR C 27 -4.55 14.66 -7.28
N PRO C 28 -4.88 13.41 -7.63
CA PRO C 28 -4.03 12.66 -8.55
C PRO C 28 -3.96 13.31 -9.92
N PRO C 29 -2.93 13.03 -10.69
CA PRO C 29 -2.82 13.61 -12.04
C PRO C 29 -3.87 12.99 -12.96
N THR C 30 -4.35 13.81 -13.90
CA THR C 30 -5.48 13.41 -14.74
C THR C 30 -5.12 13.17 -16.20
N SER C 31 -3.91 13.51 -16.62
CA SER C 31 -3.39 13.22 -17.95
C SER C 31 -1.88 13.34 -17.89
N ASP C 32 -1.22 12.96 -18.98
CA ASP C 32 0.25 13.06 -18.98
C ASP C 32 0.73 14.49 -19.10
N LYS C 33 -0.15 15.45 -19.35
CA LYS C 33 0.20 16.85 -19.30
C LYS C 33 0.12 17.44 -17.90
N ASP C 34 -0.31 16.66 -16.91
CA ASP C 34 -0.55 17.16 -15.55
C ASP C 34 0.67 16.82 -14.70
N ASN C 35 1.49 17.84 -14.41
CA ASN C 35 2.74 17.66 -13.68
C ASN C 35 2.45 17.61 -12.18
N TRP C 36 2.31 16.40 -11.63
CA TRP C 36 1.77 16.27 -10.28
C TRP C 36 2.72 16.84 -9.24
N LEU C 37 4.00 16.44 -9.31
CA LEU C 37 4.94 16.89 -8.29
C LEU C 37 5.09 18.41 -8.30
N ALA C 38 4.89 19.04 -9.45
CA ALA C 38 5.01 20.50 -9.55
C ALA C 38 3.92 21.21 -8.76
N ARG C 39 2.70 20.66 -8.71
CA ARG C 39 1.60 21.31 -8.04
C ARG C 39 1.23 20.67 -6.71
N ALA C 40 1.82 19.52 -6.37
CA ALA C 40 1.54 18.87 -5.09
C ALA C 40 1.98 19.76 -3.94
N THR C 41 1.28 19.61 -2.82
CA THR C 41 1.62 20.34 -1.61
C THR C 41 2.72 19.61 -0.85
N LEU C 42 3.80 20.33 -0.51
CA LEU C 42 4.85 19.76 0.32
C LEU C 42 4.38 19.76 1.77
N ILE C 43 4.28 18.57 2.36
CA ILE C 43 3.79 18.45 3.73
C ILE C 43 4.82 17.81 4.64
N GLY C 44 6.01 17.55 4.14
CA GLY C 44 7.10 17.04 4.96
C GLY C 44 8.42 17.27 4.30
N ASN C 45 9.34 17.93 4.99
CA ASN C 45 10.68 18.15 4.49
C ASN C 45 11.61 17.33 5.37
N GLY C 46 11.86 16.12 4.95
CA GLY C 46 12.86 15.30 5.60
C GLY C 46 12.26 14.27 6.53
N GLY C 47 12.98 13.15 6.66
CA GLY C 47 12.62 12.12 7.59
C GLY C 47 11.78 11.00 7.03
N TRP C 48 11.25 11.13 5.82
CA TRP C 48 10.35 10.13 5.24
C TRP C 48 11.10 9.10 4.42
N MET D 1 17.75 1.09 7.89
CA MET D 1 17.42 1.67 6.60
C MET D 1 16.80 3.07 6.81
N SER D 2 16.76 3.91 5.79
CA SER D 2 16.50 5.33 6.00
C SER D 2 15.02 5.66 5.87
N GLY D 3 14.62 6.73 6.55
CA GLY D 3 13.23 7.15 6.57
C GLY D 3 12.30 6.05 7.07
N PHE D 4 11.09 6.04 6.53
CA PHE D 4 10.08 5.09 6.94
C PHE D 4 10.16 3.80 6.16
N LYS D 5 9.70 2.73 6.79
CA LYS D 5 9.60 1.41 6.18
C LYS D 5 8.25 1.19 5.52
N PHE D 6 7.18 1.60 6.19
CA PHE D 6 5.83 1.56 5.68
C PHE D 6 5.19 2.91 5.96
N LEU D 7 4.26 3.30 5.10
CA LEU D 7 3.55 4.56 5.30
C LEU D 7 2.24 4.44 4.54
N PHE D 8 1.11 4.44 5.26
CA PHE D 8 -0.14 3.99 4.65
C PHE D 8 -1.33 4.49 5.47
N PHE D 9 -2.50 4.54 4.82
CA PHE D 9 -3.70 5.03 5.48
C PHE D 9 -4.62 3.89 5.94
N SER D 10 -5.27 4.10 7.09
CA SER D 10 -6.42 3.30 7.48
C SER D 10 -7.67 3.88 6.82
N PRO D 11 -8.74 3.10 6.73
CA PRO D 11 -9.94 3.60 6.03
C PRO D 11 -10.62 4.75 6.73
N ASP D 12 -10.34 4.99 8.01
CA ASP D 12 -10.90 6.16 8.67
C ASP D 12 -10.04 7.40 8.48
N GLY D 13 -8.97 7.31 7.68
CA GLY D 13 -8.17 8.46 7.31
C GLY D 13 -6.97 8.74 8.19
N THR D 14 -6.66 7.83 9.11
CA THR D 14 -5.50 7.98 9.98
C THR D 14 -4.26 7.50 9.24
N LEU D 15 -3.17 8.26 9.34
CA LEU D 15 -1.91 7.87 8.73
C LEU D 15 -1.16 6.96 9.68
N TYR D 16 -0.67 5.83 9.16
CA TYR D 16 0.15 4.89 9.90
C TYR D 16 1.54 4.85 9.27
N GLY D 17 2.55 4.67 10.09
CA GLY D 17 3.88 4.54 9.53
C GLY D 17 4.77 3.72 10.42
N VAL D 18 5.71 2.98 9.82
CA VAL D 18 6.70 2.23 10.57
C VAL D 18 8.03 2.92 10.37
N HIS D 19 8.69 3.25 11.48
CA HIS D 19 9.93 4.01 11.44
C HIS D 19 10.85 3.45 12.53
N ASN D 20 12.02 2.96 12.13
CA ASN D 20 12.98 2.42 13.09
C ASN D 20 12.36 1.32 13.97
N ASP D 21 11.67 0.40 13.32
CA ASP D 21 11.05 -0.78 13.93
C ASP D 21 9.87 -0.44 14.82
N LYS D 22 9.38 0.80 14.80
CA LYS D 22 8.26 1.21 15.62
C LYS D 22 7.08 1.63 14.75
N LEU D 23 5.88 1.41 15.26
CA LEU D 23 4.64 1.73 14.57
C LEU D 23 4.01 2.97 15.17
N TYR D 24 3.63 3.94 14.32
CA TYR D 24 3.07 5.23 14.72
C TYR D 24 1.77 5.48 13.98
N LYS D 25 0.87 6.26 14.58
CA LYS D 25 -0.34 6.68 13.87
C LYS D 25 -0.71 8.11 14.27
N GLY D 26 -1.39 8.79 13.36
CA GLY D 26 -1.82 10.15 13.66
C GLY D 26 -2.50 10.73 12.45
N THR D 27 -3.12 11.90 12.65
CA THR D 27 -3.61 12.62 11.49
C THR D 27 -2.43 12.97 10.59
N PRO D 28 -2.63 13.00 9.28
CA PRO D 28 -1.51 13.25 8.39
C PRO D 28 -0.96 14.65 8.59
N PRO D 29 0.31 14.86 8.27
CA PRO D 29 0.91 16.19 8.45
C PRO D 29 0.27 17.21 7.52
N THR D 30 0.28 18.46 7.97
CA THR D 30 -0.43 19.54 7.31
C THR D 30 0.48 20.50 6.56
N SER D 31 1.77 20.51 6.89
CA SER D 31 2.70 21.41 6.23
C SER D 31 4.10 20.90 6.48
N ASP D 32 5.06 21.52 5.78
CA ASP D 32 6.47 21.19 5.95
C ASP D 32 7.01 21.54 7.32
N LYS D 33 6.25 22.26 8.14
CA LYS D 33 6.67 22.62 9.49
C LYS D 33 6.11 21.65 10.52
N ASP D 34 5.17 20.80 10.13
CA ASP D 34 4.48 19.89 11.06
C ASP D 34 5.40 18.71 11.38
N ASN D 35 5.96 18.66 12.60
CA ASN D 35 6.83 17.55 13.00
C ASN D 35 5.96 16.36 13.36
N TRP D 36 5.75 15.46 12.39
CA TRP D 36 4.75 14.39 12.56
C TRP D 36 5.19 13.37 13.62
N LEU D 37 6.45 12.92 13.56
CA LEU D 37 6.88 11.90 14.52
C LEU D 37 6.82 12.39 15.95
N ALA D 38 7.01 13.70 16.18
CA ALA D 38 6.91 14.25 17.53
C ALA D 38 5.50 14.18 18.09
N ARG D 39 4.48 14.29 17.24
CA ARG D 39 3.12 14.29 17.74
C ARG D 39 2.38 12.98 17.49
N ALA D 40 2.91 12.10 16.65
CA ALA D 40 2.21 10.86 16.35
C ALA D 40 2.17 9.94 17.57
N THR D 41 1.11 9.13 17.64
CA THR D 41 0.98 8.18 18.74
C THR D 41 1.83 6.93 18.47
N LEU D 42 2.70 6.61 19.42
CA LEU D 42 3.47 5.37 19.35
C LEU D 42 2.58 4.21 19.74
N ILE D 43 2.29 3.31 18.81
CA ILE D 43 1.40 2.19 19.06
C ILE D 43 2.10 0.85 18.93
N GLY D 44 3.38 0.84 18.58
CA GLY D 44 4.14 -0.38 18.61
C GLY D 44 5.61 -0.06 18.71
N ASN D 45 6.33 -0.76 19.58
CA ASN D 45 7.75 -0.52 19.76
C ASN D 45 8.47 -1.86 19.62
N GLY D 46 8.96 -2.11 18.42
CA GLY D 46 9.79 -3.26 18.14
C GLY D 46 9.02 -4.29 17.35
N GLY D 47 9.70 -4.91 16.39
CA GLY D 47 9.14 -6.02 15.66
C GLY D 47 8.46 -5.67 14.35
N TRP D 48 8.41 -4.40 13.99
CA TRP D 48 7.66 -3.98 12.80
C TRP D 48 8.57 -3.84 11.58
N SER E 2 12.74 -10.27 10.81
CA SER E 2 12.12 -10.19 12.12
C SER E 2 10.91 -9.25 12.09
N GLY E 3 10.91 -8.32 11.15
CA GLY E 3 9.82 -7.39 10.96
C GLY E 3 8.80 -7.90 9.96
N PHE E 4 8.03 -6.97 9.41
CA PHE E 4 6.98 -7.33 8.48
C PHE E 4 7.39 -7.09 7.03
N LYS E 5 6.93 -7.96 6.15
CA LYS E 5 7.13 -7.81 4.71
C LYS E 5 6.05 -6.93 4.10
N PHE E 6 4.80 -7.11 4.53
CA PHE E 6 3.68 -6.25 4.15
C PHE E 6 2.94 -5.85 5.41
N LEU E 7 2.37 -4.66 5.41
CA LEU E 7 1.56 -4.20 6.52
C LEU E 7 0.55 -3.22 5.95
N PHE E 8 -0.74 -3.57 6.00
CA PHE E 8 -1.73 -2.79 5.26
C PHE E 8 -3.13 -3.01 5.85
N PHE E 9 -4.07 -2.12 5.48
CA PHE E 9 -5.44 -2.21 5.98
C PHE E 9 -6.39 -2.78 4.94
N SER E 10 -7.35 -3.56 5.42
CA SER E 10 -8.55 -3.82 4.66
C SER E 10 -9.53 -2.66 4.83
N PRO E 11 -10.46 -2.49 3.90
CA PRO E 11 -11.39 -1.34 3.99
C PRO E 11 -12.32 -1.39 5.19
N ASP E 12 -12.48 -2.53 5.85
CA ASP E 12 -13.25 -2.59 7.08
C ASP E 12 -12.47 -2.22 8.33
N GLY E 13 -11.19 -1.85 8.18
CA GLY E 13 -10.39 -1.38 9.29
C GLY E 13 -9.54 -2.42 9.97
N THR E 14 -9.48 -3.65 9.44
CA THR E 14 -8.61 -4.68 10.01
C THR E 14 -7.20 -4.53 9.48
N LEU E 15 -6.22 -4.68 10.37
CA LEU E 15 -4.82 -4.61 9.98
C LEU E 15 -4.34 -5.98 9.52
N TYR E 16 -3.70 -6.02 8.35
CA TYR E 16 -3.13 -7.25 7.81
C TYR E 16 -1.61 -7.13 7.79
N GLY E 17 -0.92 -8.24 8.02
CA GLY E 17 0.53 -8.18 7.97
C GLY E 17 1.15 -9.49 7.55
N VAL E 18 2.25 -9.44 6.81
CA VAL E 18 3.01 -10.65 6.47
C VAL E 18 4.27 -10.65 7.33
N HIS E 19 4.44 -11.71 8.12
CA HIS E 19 5.59 -11.85 8.99
C HIS E 19 6.05 -13.30 8.95
N ASN E 20 7.34 -13.51 8.68
CA ASN E 20 7.91 -14.86 8.62
C ASN E 20 7.12 -15.77 7.67
N ASP E 21 6.80 -15.22 6.49
CA ASP E 21 6.09 -15.89 5.40
C ASP E 21 4.63 -16.20 5.74
N LYS E 22 4.13 -15.75 6.88
CA LYS E 22 2.77 -16.04 7.31
C LYS E 22 1.93 -14.76 7.23
N LEU E 23 0.64 -14.93 6.96
CA LEU E 23 -0.28 -13.81 6.88
C LEU E 23 -1.13 -13.74 8.14
N TYR E 24 -1.22 -12.55 8.73
CA TYR E 24 -1.91 -12.31 9.99
C TYR E 24 -2.89 -11.17 9.82
N LYS E 25 -3.95 -11.19 10.63
CA LYS E 25 -4.89 -10.07 10.68
C LYS E 25 -5.35 -9.86 12.12
N GLY E 26 -5.78 -8.62 12.39
CA GLY E 26 -6.30 -8.28 13.70
C GLY E 26 -6.61 -6.81 13.78
N THR E 27 -7.42 -6.38 14.75
CA THR E 27 -7.61 -4.94 14.92
C THR E 27 -6.25 -4.30 15.20
N PRO E 28 -6.02 -3.07 14.74
CA PRO E 28 -4.70 -2.46 14.93
C PRO E 28 -4.45 -2.21 16.40
N PRO E 29 -3.19 -2.15 16.82
CA PRO E 29 -2.90 -1.84 18.22
C PRO E 29 -3.22 -0.39 18.53
N THR E 30 -3.60 -0.14 19.78
CA THR E 30 -3.87 1.21 20.23
C THR E 30 -2.81 1.76 21.17
N SER E 31 -1.86 0.94 21.61
CA SER E 31 -0.80 1.42 22.47
C SER E 31 0.39 0.48 22.38
N ASP E 32 1.56 0.97 22.76
CA ASP E 32 2.76 0.17 22.66
C ASP E 32 2.78 -0.98 23.65
N LYS E 33 1.81 -1.09 24.56
CA LYS E 33 1.74 -2.25 25.43
C LYS E 33 0.98 -3.42 24.80
N ASP E 34 0.32 -3.19 23.67
CA ASP E 34 -0.47 -4.20 22.97
C ASP E 34 0.47 -5.01 22.05
N ASN E 35 0.73 -6.27 22.39
CA ASN E 35 1.55 -7.14 21.54
C ASN E 35 0.67 -7.66 20.41
N TRP E 36 0.73 -7.00 19.26
CA TRP E 36 -0.19 -7.30 18.17
C TRP E 36 0.07 -8.69 17.60
N LEU E 37 1.33 -9.01 17.30
CA LEU E 37 1.64 -10.28 16.66
C LEU E 37 1.26 -11.46 17.55
N ALA E 38 1.36 -11.30 18.87
CA ALA E 38 1.00 -12.39 19.77
C ALA E 38 -0.49 -12.66 19.78
N ARG E 39 -1.33 -11.66 19.49
CA ARG E 39 -2.78 -11.87 19.48
C ARG E 39 -3.37 -11.93 18.08
N ALA E 40 -2.59 -11.69 17.04
CA ALA E 40 -3.16 -11.66 15.69
C ALA E 40 -3.62 -13.05 15.24
N THR E 41 -4.63 -13.06 14.37
CA THR E 41 -5.17 -14.30 13.83
C THR E 41 -4.33 -14.76 12.64
N LEU E 42 -3.83 -15.99 12.70
CA LEU E 42 -3.17 -16.59 11.55
C LEU E 42 -4.20 -16.90 10.46
N ILE E 43 -3.97 -16.38 9.25
CA ILE E 43 -4.90 -16.66 8.14
C ILE E 43 -4.13 -17.19 6.95
N GLY E 44 -2.84 -17.45 7.11
CA GLY E 44 -2.07 -18.08 6.06
C GLY E 44 -0.68 -18.50 6.51
N ASN E 45 -0.33 -19.78 6.36
CA ASN E 45 0.98 -20.25 6.77
C ASN E 45 1.72 -20.63 5.50
N GLY E 46 2.61 -19.75 5.06
CA GLY E 46 3.54 -20.05 3.99
C GLY E 46 3.08 -19.47 2.66
N GLY E 47 4.07 -19.10 1.83
CA GLY E 47 3.80 -18.68 0.48
C GLY E 47 3.54 -17.20 0.28
N TRP E 48 3.61 -16.39 1.35
CA TRP E 48 3.30 -14.96 1.26
C TRP E 48 4.57 -14.12 1.19
#